data_8Y84
#
_entry.id   8Y84
#
_cell.length_a   1.00
_cell.length_b   1.00
_cell.length_c   1.00
_cell.angle_alpha   90.00
_cell.angle_beta   90.00
_cell.angle_gamma   90.00
#
_symmetry.space_group_name_H-M   'P 1'
#
loop_
_entity.id
_entity.type
_entity.pdbx_description
1 polymer 'High affinity immunoglobulin epsilon receptor subunit alpha'
2 polymer 'High affinity immunoglobulin epsilon receptor subunit beta'
3 polymer 'High affinity immunoglobulin epsilon receptor subunit gamma'
4 non-polymer 'CHOLESTEROL HEMISUCCINATE'
#
loop_
_entity_poly.entity_id
_entity_poly.type
_entity_poly.pdbx_seq_one_letter_code
_entity_poly.pdbx_strand_id
1 'polypeptide(L)'
;MDTGGSARLCLALVLISLGVMLTATQKSVVSLDPPWIRILTGDKVTLICNGNNSSQMNSTKWIHNDSISNVKSSHWVIVS
ATIQDSGKYICQKQGFYKSKPVYLNVMQEWLLLQSSADVVLDNGSFDIRCRSWKKWKVHKVIYYKDDIAFKYSYDSNNIS
IRKATFNDSGSYHCTGYLNKVECKSDKFSIAVVKDYTIEYRWLQLIFPSLAVILFAVDTGLWFSTHKQFESILKIQKTGK
GKKKG
;
A
2 'polypeptide(L)'
;MDTENKSRADLALPNPQESPSAPDIELLEASPPAKALPEKPASPPPQQTWQSFLKKELEFLGVTQVLVGLICLCFGTVVC
STLQTSDFDDEVLLLYRAGYPFWGAVLFVLSGFLSIMSERKNTLYLVRGSLGANIVSSIAAGLGIAILILNLSNNSAYMN
YCKDITEDDGCFVTSFITELVLMLLFLTILAFCSAVLLIIYRIGQEFERSKVPDDRLYEELHVYSPIYSALEDTREASAP
VVS
;
B
3 'polypeptide(L)'
;MIPAVILFLLLLVEEAAALGEPQLCYILDAILFLYGIVLTLLYCRLKIQVRKADIASREKSDAVYTGLNTRNQETYETLK
HEKPPQGSGWSHPQFEKGSGDYKDDDDKGSGWSHPQFEK
;
C,G
#
loop_
_chem_comp.id
_chem_comp.type
_chem_comp.name
_chem_comp.formula
Y01 non-polymer 'CHOLESTEROL HEMISUCCINATE' 'C31 H50 O4'
#
# COMPACT_ATOMS: atom_id res chain seq x y z
N ILE A 198 -2.52 29.81 -3.62
CA ILE A 198 -2.37 29.29 -2.26
C ILE A 198 -0.91 29.05 -1.86
N GLU A 199 0.05 28.63 -2.74
CA GLU A 199 1.41 28.03 -2.36
C GLU A 199 1.30 26.80 -1.48
N TYR A 200 0.35 25.92 -1.77
CA TYR A 200 0.46 24.52 -1.34
C TYR A 200 -0.13 23.57 -2.38
N ARG A 201 -0.10 23.95 -3.66
CA ARG A 201 -0.67 23.12 -4.70
C ARG A 201 0.12 21.84 -4.95
N TRP A 202 1.44 21.89 -4.74
CA TRP A 202 2.31 20.76 -5.07
C TRP A 202 2.06 19.54 -4.19
N LEU A 203 1.36 19.70 -3.07
CA LEU A 203 0.94 18.56 -2.28
C LEU A 203 0.04 17.63 -3.07
N GLN A 204 -0.78 18.16 -3.97
CA GLN A 204 -1.56 17.29 -4.83
C GLN A 204 -0.76 16.78 -6.02
N LEU A 205 0.50 17.21 -6.16
CA LEU A 205 1.46 16.52 -7.01
C LEU A 205 2.15 15.40 -6.25
N ILE A 206 1.86 15.24 -4.96
CA ILE A 206 2.40 14.12 -4.20
C ILE A 206 1.76 12.81 -4.66
N PHE A 207 0.44 12.85 -4.91
CA PHE A 207 -0.30 11.63 -5.25
C PHE A 207 0.09 11.02 -6.60
N PRO A 208 0.21 11.76 -7.75
CA PRO A 208 0.59 11.06 -8.99
C PRO A 208 2.06 10.69 -9.02
N SER A 209 2.90 11.48 -8.35
CA SER A 209 4.32 11.14 -8.22
C SER A 209 4.49 9.84 -7.46
N LEU A 210 3.75 9.67 -6.36
CA LEU A 210 3.73 8.39 -5.67
C LEU A 210 3.08 7.30 -6.52
N ALA A 211 2.25 7.67 -7.49
CA ALA A 211 1.83 6.71 -8.49
C ALA A 211 2.98 6.34 -9.42
N VAL A 212 3.74 7.33 -9.91
CA VAL A 212 4.74 7.02 -10.94
C VAL A 212 6.00 6.44 -10.30
N ILE A 213 6.08 6.41 -8.97
CA ILE A 213 7.00 5.49 -8.32
C ILE A 213 6.51 4.06 -8.43
N LEU A 214 5.26 3.82 -8.00
CA LEU A 214 4.72 2.46 -7.88
C LEU A 214 4.60 1.78 -9.23
N PHE A 215 4.10 2.52 -10.23
CA PHE A 215 4.07 2.02 -11.60
C PHE A 215 5.46 1.70 -12.12
N ALA A 216 6.44 2.54 -11.77
CA ALA A 216 7.83 2.24 -12.08
C ALA A 216 8.28 0.96 -11.38
N VAL A 217 7.87 0.80 -10.11
CA VAL A 217 8.10 -0.43 -9.38
C VAL A 217 7.49 -1.60 -10.11
N ASP A 218 6.29 -1.39 -10.67
CA ASP A 218 5.59 -2.42 -11.42
C ASP A 218 6.36 -2.86 -12.64
N THR A 219 7.04 -1.93 -13.33
CA THR A 219 7.75 -2.40 -14.51
C THR A 219 9.00 -3.17 -14.11
N GLY A 220 9.60 -2.83 -12.95
CA GLY A 220 10.58 -3.72 -12.37
C GLY A 220 9.95 -5.04 -11.97
N LEU A 221 8.77 -4.96 -11.35
CA LEU A 221 7.99 -6.15 -11.03
C LEU A 221 7.39 -6.80 -12.26
N TRP A 222 7.44 -6.15 -13.42
CA TRP A 222 7.17 -6.91 -14.63
C TRP A 222 8.41 -7.66 -15.07
N PHE A 223 9.55 -6.96 -15.13
CA PHE A 223 10.76 -7.53 -15.72
C PHE A 223 11.29 -8.66 -14.86
N SER A 224 11.36 -8.43 -13.54
CA SER A 224 11.75 -9.46 -12.60
C SER A 224 10.74 -10.60 -12.50
N THR A 225 9.53 -10.43 -13.03
CA THR A 225 8.62 -11.57 -13.15
C THR A 225 8.74 -12.22 -14.52
N HIS A 226 9.08 -11.44 -15.55
CA HIS A 226 9.26 -12.02 -16.88
C HIS A 226 10.52 -12.87 -16.96
N LYS A 227 11.64 -12.38 -16.42
CA LYS A 227 12.90 -13.12 -16.51
C LYS A 227 12.85 -14.42 -15.70
N GLN A 228 12.22 -14.39 -14.51
CA GLN A 228 12.02 -15.65 -13.79
C GLN A 228 10.93 -16.50 -14.41
N PHE A 229 10.14 -15.96 -15.34
CA PHE A 229 9.31 -16.81 -16.16
C PHE A 229 9.99 -17.10 -17.50
N GLU A 230 11.08 -16.40 -17.82
CA GLU A 230 11.92 -16.83 -18.93
C GLU A 230 12.79 -18.01 -18.53
N SER A 231 13.28 -18.00 -17.29
CA SER A 231 14.13 -19.07 -16.78
C SER A 231 13.35 -20.27 -16.28
N ILE A 232 12.02 -20.22 -16.33
CA ILE A 232 11.20 -21.37 -15.99
C ILE A 232 10.59 -22.04 -17.22
N LEU A 233 10.59 -21.37 -18.37
CA LEU A 233 10.20 -22.00 -19.62
C LEU A 233 11.39 -22.48 -20.43
N LYS A 234 12.60 -21.97 -20.15
CA LYS A 234 13.79 -22.49 -20.79
C LYS A 234 14.14 -23.88 -20.29
N ILE A 235 13.88 -24.14 -19.00
CA ILE A 235 14.12 -25.47 -18.43
C ILE A 235 13.06 -26.46 -18.90
N GLN A 236 11.83 -25.99 -19.13
CA GLN A 236 10.64 -26.80 -19.43
C GLN A 236 10.40 -27.89 -18.38
N TRP B 50 -8.69 -24.42 4.16
CA TRP B 50 -8.28 -23.02 3.99
C TRP B 50 -6.93 -22.73 4.62
N GLN B 51 -6.33 -23.75 5.23
CA GLN B 51 -4.98 -23.60 5.78
C GLN B 51 -3.97 -23.40 4.66
N SER B 52 -4.02 -24.27 3.64
CA SER B 52 -3.15 -24.10 2.48
C SER B 52 -3.60 -22.92 1.62
N PHE B 53 -4.91 -22.64 1.59
CA PHE B 53 -5.45 -21.54 0.82
C PHE B 53 -5.12 -20.18 1.43
N LEU B 54 -4.61 -20.14 2.66
CA LEU B 54 -4.02 -18.94 3.22
C LEU B 54 -2.50 -18.99 3.28
N LYS B 55 -1.92 -20.19 3.37
CA LYS B 55 -0.46 -20.32 3.36
C LYS B 55 0.12 -20.01 1.99
N LYS B 56 -0.65 -20.21 0.92
CA LYS B 56 -0.15 -19.91 -0.42
C LYS B 56 -0.01 -18.41 -0.64
N GLU B 57 -0.80 -17.61 0.05
CA GLU B 57 -0.78 -16.16 -0.08
C GLU B 57 -0.31 -15.48 1.20
N LEU B 58 0.26 -16.25 2.13
CA LEU B 58 0.76 -15.74 3.40
C LEU B 58 1.89 -14.73 3.19
N GLU B 59 2.80 -15.02 2.25
CA GLU B 59 3.92 -14.12 1.97
C GLU B 59 3.45 -12.82 1.34
N PHE B 60 2.52 -12.89 0.40
CA PHE B 60 1.88 -11.68 -0.14
C PHE B 60 1.15 -10.91 0.94
N LEU B 61 0.55 -11.62 1.88
CA LEU B 61 -0.20 -11.02 2.96
C LEU B 61 0.72 -10.32 3.97
N GLY B 62 2.01 -10.64 3.95
CA GLY B 62 3.01 -9.81 4.61
C GLY B 62 3.61 -8.70 3.75
N VAL B 63 3.71 -8.97 2.45
CA VAL B 63 4.25 -7.98 1.50
C VAL B 63 3.33 -6.76 1.41
N THR B 64 2.02 -6.98 1.53
CA THR B 64 1.10 -5.84 1.55
C THR B 64 1.29 -4.99 2.81
N GLN B 65 1.70 -5.59 3.93
CA GLN B 65 2.04 -4.80 5.12
C GLN B 65 3.30 -3.99 4.91
N VAL B 66 4.30 -4.57 4.25
CA VAL B 66 5.53 -3.83 3.94
C VAL B 66 5.22 -2.65 3.02
N LEU B 67 4.34 -2.88 2.03
CA LEU B 67 3.93 -1.82 1.11
C LEU B 67 3.18 -0.70 1.81
N VAL B 68 2.22 -1.06 2.68
CA VAL B 68 1.44 -0.08 3.42
C VAL B 68 2.33 0.70 4.37
N GLY B 69 3.30 0.02 4.99
CA GLY B 69 4.24 0.71 5.86
C GLY B 69 5.16 1.66 5.12
N LEU B 70 5.62 1.29 3.93
CA LEU B 70 6.50 2.20 3.20
C LEU B 70 5.75 3.39 2.63
N ILE B 71 4.48 3.20 2.24
CA ILE B 71 3.68 4.35 1.83
C ILE B 71 3.33 5.22 3.03
N CYS B 72 3.17 4.62 4.22
CA CYS B 72 3.01 5.39 5.44
C CYS B 72 4.24 6.22 5.76
N LEU B 73 5.43 5.65 5.56
CA LEU B 73 6.68 6.41 5.71
C LEU B 73 6.75 7.56 4.72
N CYS B 74 6.35 7.32 3.47
CA CYS B 74 6.42 8.36 2.45
C CYS B 74 5.45 9.50 2.75
N PHE B 75 4.23 9.17 3.16
CA PHE B 75 3.25 10.19 3.52
C PHE B 75 3.68 10.96 4.77
N GLY B 76 4.25 10.25 5.75
CA GLY B 76 4.74 10.93 6.94
C GLY B 76 5.92 11.84 6.67
N THR B 77 6.84 11.43 5.80
CA THR B 77 7.97 12.29 5.52
C THR B 77 7.59 13.47 4.63
N VAL B 78 6.59 13.34 3.75
CA VAL B 78 6.22 14.53 2.98
C VAL B 78 5.37 15.48 3.82
N VAL B 79 4.60 14.97 4.79
CA VAL B 79 3.89 15.85 5.71
C VAL B 79 4.87 16.54 6.65
N CYS B 80 5.89 15.81 7.11
CA CYS B 80 6.87 16.38 8.03
C CYS B 80 7.76 17.40 7.34
N SER B 81 8.11 17.18 6.08
CA SER B 81 9.02 18.10 5.40
C SER B 81 8.30 19.24 4.69
N THR B 82 7.32 18.92 3.84
CA THR B 82 6.72 19.94 2.99
C THR B 82 5.79 20.87 3.76
N LEU B 83 5.00 20.33 4.70
CA LEU B 83 4.03 21.14 5.40
C LEU B 83 4.67 21.91 6.54
N GLN B 84 4.29 23.18 6.67
CA GLN B 84 4.61 23.97 7.85
C GLN B 84 3.47 23.73 8.83
N THR B 85 3.65 22.76 9.72
CA THR B 85 2.57 22.24 10.54
C THR B 85 2.14 23.18 11.67
N SER B 86 2.86 24.27 11.89
CA SER B 86 2.40 25.26 12.86
C SER B 86 1.38 26.22 12.28
N ASP B 87 1.22 26.24 10.95
CA ASP B 87 0.21 27.08 10.32
C ASP B 87 -1.15 26.43 10.28
N PHE B 88 -1.26 25.16 10.63
CA PHE B 88 -2.49 24.40 10.52
C PHE B 88 -2.87 23.80 11.86
N ASP B 89 -4.13 23.43 11.98
CA ASP B 89 -4.69 23.03 13.26
C ASP B 89 -4.25 21.63 13.65
N ASP B 90 -4.20 21.38 14.96
CA ASP B 90 -3.87 20.06 15.45
C ASP B 90 -5.02 19.08 15.29
N GLU B 91 -6.24 19.59 15.12
CA GLU B 91 -7.37 18.71 14.79
C GLU B 91 -7.25 18.21 13.36
N VAL B 92 -6.84 19.09 12.44
CA VAL B 92 -6.69 18.72 11.04
C VAL B 92 -5.49 17.80 10.86
N LEU B 93 -4.40 18.05 11.59
CA LEU B 93 -3.18 17.27 11.48
C LEU B 93 -3.06 16.19 12.55
N LEU B 94 -4.21 15.66 13.03
CA LEU B 94 -4.21 14.65 14.09
C LEU B 94 -3.53 13.36 13.65
N LEU B 95 -3.51 13.11 12.34
CA LEU B 95 -2.72 12.01 11.79
C LEU B 95 -1.24 12.18 12.08
N TYR B 96 -0.71 13.38 11.89
CA TYR B 96 0.70 13.63 12.08
C TYR B 96 1.03 14.00 13.53
N ARG B 97 0.09 14.63 14.23
CA ARG B 97 0.28 14.97 15.64
C ARG B 97 0.34 13.72 16.51
N ALA B 98 -0.50 12.73 16.22
CA ALA B 98 -0.36 11.44 16.87
C ALA B 98 0.81 10.63 16.32
N GLY B 99 1.39 11.05 15.21
CA GLY B 99 2.56 10.40 14.68
C GLY B 99 2.30 9.08 14.00
N TYR B 100 1.04 8.79 13.66
CA TYR B 100 0.66 7.49 13.11
C TYR B 100 1.42 7.05 11.85
N PRO B 101 1.76 7.91 10.87
CA PRO B 101 2.61 7.42 9.78
C PRO B 101 3.95 6.84 10.22
N PHE B 102 4.58 7.41 11.25
CA PHE B 102 5.88 6.91 11.69
C PHE B 102 5.77 5.61 12.49
N TRP B 103 4.99 5.61 13.58
CA TRP B 103 4.89 4.39 14.37
C TRP B 103 3.96 3.36 13.77
N GLY B 104 3.26 3.69 12.70
CA GLY B 104 2.49 2.71 11.98
C GLY B 104 3.33 2.14 10.87
N ALA B 105 4.17 2.99 10.27
CA ALA B 105 5.10 2.56 9.23
C ALA B 105 6.12 1.59 9.77
N VAL B 106 6.68 1.88 10.95
CA VAL B 106 7.68 1.01 11.57
C VAL B 106 7.06 -0.33 11.91
N LEU B 107 5.86 -0.34 12.47
CA LEU B 107 5.24 -1.59 12.89
C LEU B 107 4.73 -2.40 11.71
N PHE B 108 4.23 -1.74 10.66
CA PHE B 108 3.79 -2.46 9.47
C PHE B 108 4.97 -3.04 8.71
N VAL B 109 6.06 -2.29 8.55
CA VAL B 109 7.25 -2.79 7.88
C VAL B 109 7.87 -3.93 8.69
N LEU B 110 7.91 -3.79 10.01
CA LEU B 110 8.47 -4.82 10.87
C LEU B 110 7.65 -6.12 10.82
N SER B 111 6.33 -6.00 10.92
CA SER B 111 5.49 -7.20 10.93
C SER B 111 5.42 -7.85 9.56
N GLY B 112 5.39 -7.05 8.49
CA GLY B 112 5.43 -7.61 7.15
C GLY B 112 6.77 -8.26 6.82
N PHE B 113 7.87 -7.66 7.26
CA PHE B 113 9.19 -8.24 7.04
C PHE B 113 9.36 -9.54 7.82
N LEU B 114 8.85 -9.57 9.06
CA LEU B 114 8.90 -10.81 9.82
C LEU B 114 7.96 -11.87 9.25
N SER B 115 6.86 -11.45 8.62
CA SER B 115 5.98 -12.40 7.93
C SER B 115 6.67 -12.99 6.70
N ILE B 116 7.38 -12.15 5.95
CA ILE B 116 8.15 -12.62 4.79
C ILE B 116 9.24 -13.58 5.22
N MET B 117 9.98 -13.24 6.29
CA MET B 117 11.05 -14.11 6.77
C MET B 117 10.51 -15.40 7.38
N SER B 118 9.35 -15.35 8.03
CA SER B 118 8.79 -16.57 8.61
C SER B 118 8.20 -17.48 7.55
N GLU B 119 7.74 -16.92 6.43
CA GLU B 119 7.40 -17.76 5.28
C GLU B 119 8.65 -18.35 4.64
N ARG B 120 9.69 -17.53 4.45
CA ARG B 120 10.85 -17.95 3.68
C ARG B 120 11.79 -18.88 4.44
N LYS B 121 11.75 -18.87 5.76
CA LYS B 121 12.64 -19.70 6.56
C LYS B 121 11.92 -20.77 7.37
N ASN B 122 10.65 -20.56 7.72
CA ASN B 122 9.82 -21.49 8.51
C ASN B 122 10.44 -21.82 9.86
N THR B 123 11.13 -20.85 10.45
CA THR B 123 11.83 -21.05 11.71
C THR B 123 10.88 -20.81 12.87
N LEU B 124 10.96 -21.70 13.87
CA LEU B 124 10.09 -21.66 15.06
C LEU B 124 10.34 -20.43 15.93
N TYR B 125 11.43 -19.69 15.71
CA TYR B 125 11.65 -18.41 16.37
C TYR B 125 11.14 -17.22 15.57
N LEU B 126 11.09 -17.33 14.24
CA LEU B 126 10.47 -16.29 13.43
C LEU B 126 8.95 -16.31 13.60
N VAL B 127 8.35 -17.50 13.51
CA VAL B 127 7.00 -17.70 14.02
C VAL B 127 7.04 -17.53 15.53
N ARG B 128 5.96 -16.95 16.10
CA ARG B 128 5.77 -16.48 17.49
C ARG B 128 6.54 -15.17 17.71
N GLY B 129 7.39 -14.78 16.77
CA GLY B 129 7.93 -13.45 16.71
C GLY B 129 7.21 -12.66 15.65
N SER B 130 6.89 -13.31 14.53
CA SER B 130 6.05 -12.69 13.51
C SER B 130 4.59 -12.66 13.95
N LEU B 131 4.16 -13.62 14.77
CA LEU B 131 2.82 -13.59 15.32
C LEU B 131 2.65 -12.45 16.32
N GLY B 132 3.63 -12.23 17.19
CA GLY B 132 3.57 -11.09 18.09
C GLY B 132 3.68 -9.77 17.36
N ALA B 133 4.50 -9.75 16.30
CA ALA B 133 4.57 -8.57 15.44
C ALA B 133 3.24 -8.31 14.75
N ASN B 134 2.49 -9.35 14.42
CA ASN B 134 1.17 -9.13 13.83
C ASN B 134 0.11 -8.77 14.87
N ILE B 135 0.26 -9.23 16.11
CA ILE B 135 -0.60 -8.74 17.20
C ILE B 135 -0.41 -7.23 17.38
N VAL B 136 0.84 -6.79 17.49
CA VAL B 136 1.08 -5.36 17.66
C VAL B 136 0.80 -4.59 16.38
N SER B 137 0.86 -5.24 15.21
CA SER B 137 0.48 -4.58 13.97
C SER B 137 -1.04 -4.43 13.86
N SER B 138 -1.80 -5.40 14.37
CA SER B 138 -3.25 -5.25 14.41
C SER B 138 -3.67 -4.19 15.41
N ILE B 139 -2.97 -4.11 16.55
CA ILE B 139 -3.24 -3.04 17.51
C ILE B 139 -2.91 -1.68 16.91
N ALA B 140 -1.78 -1.58 16.21
CA ALA B 140 -1.38 -0.36 15.53
C ALA B 140 -2.35 0.01 14.41
N ALA B 141 -2.86 -0.98 13.68
CA ALA B 141 -3.80 -0.72 12.61
C ALA B 141 -5.19 -0.36 13.11
N GLY B 142 -5.63 -0.96 14.22
CA GLY B 142 -6.89 -0.53 14.81
C GLY B 142 -6.83 0.86 15.41
N LEU B 143 -5.71 1.17 16.08
CA LEU B 143 -5.50 2.53 16.58
C LEU B 143 -5.38 3.52 15.43
N GLY B 144 -4.75 3.10 14.33
CA GLY B 144 -4.68 3.94 13.16
C GLY B 144 -6.03 4.15 12.49
N ILE B 145 -6.87 3.12 12.46
CA ILE B 145 -8.22 3.25 11.90
C ILE B 145 -9.05 4.21 12.75
N ALA B 146 -8.94 4.11 14.08
CA ALA B 146 -9.61 5.05 14.96
C ALA B 146 -9.10 6.48 14.78
N ILE B 147 -7.78 6.64 14.65
CA ILE B 147 -7.17 7.95 14.47
C ILE B 147 -7.55 8.55 13.13
N LEU B 148 -7.60 7.74 12.07
CA LEU B 148 -7.96 8.24 10.75
C LEU B 148 -9.44 8.56 10.64
N ILE B 149 -10.31 7.81 11.31
CA ILE B 149 -11.73 8.16 11.36
C ILE B 149 -11.94 9.46 12.15
N LEU B 150 -11.21 9.61 13.26
CA LEU B 150 -11.27 10.85 14.03
C LEU B 150 -10.75 12.03 13.23
N ASN B 151 -9.70 11.83 12.44
CA ASN B 151 -9.18 12.92 11.61
C ASN B 151 -10.11 13.23 10.44
N LEU B 152 -10.83 12.22 9.93
CA LEU B 152 -11.85 12.47 8.92
C LEU B 152 -12.99 13.31 9.49
N SER B 153 -13.39 13.03 10.74
CA SER B 153 -14.42 13.84 11.39
C SER B 153 -13.94 15.27 11.63
N ASN B 154 -12.69 15.43 12.06
CA ASN B 154 -12.13 16.77 12.27
C ASN B 154 -11.99 17.53 10.96
N ASN B 155 -11.62 16.84 9.89
CA ASN B 155 -11.52 17.49 8.58
C ASN B 155 -12.90 17.86 8.04
N SER B 156 -13.91 17.04 8.30
CA SER B 156 -15.27 17.41 7.91
C SER B 156 -15.76 18.63 8.66
N ALA B 157 -15.47 18.70 9.96
CA ALA B 157 -15.82 19.89 10.75
C ALA B 157 -15.05 21.11 10.30
N TYR B 158 -13.81 20.95 9.85
CA TYR B 158 -13.08 22.09 9.29
C TYR B 158 -13.66 22.54 7.96
N MET B 159 -13.86 21.59 7.04
CA MET B 159 -14.34 21.91 5.69
C MET B 159 -15.80 22.32 5.65
N ASN B 160 -16.53 22.18 6.77
CA ASN B 160 -17.80 22.89 6.88
C ASN B 160 -17.60 24.40 6.74
N TYR B 161 -16.53 24.93 7.32
CA TYR B 161 -16.19 26.35 7.21
C TYR B 161 -15.21 26.60 6.06
N CYS B 162 -15.54 26.07 4.88
CA CYS B 162 -14.74 26.27 3.68
C CYS B 162 -15.69 26.35 2.49
N LYS B 163 -15.68 27.50 1.82
CA LYS B 163 -16.58 27.69 0.69
C LYS B 163 -16.15 26.89 -0.53
N ASP B 164 -14.85 26.59 -0.65
CA ASP B 164 -14.33 25.86 -1.79
C ASP B 164 -13.05 25.19 -1.31
N ILE B 165 -12.57 24.21 -2.07
CA ILE B 165 -11.28 23.57 -1.81
C ILE B 165 -10.13 24.58 -1.87
N THR B 166 -10.25 25.61 -2.71
CA THR B 166 -9.23 26.62 -2.88
C THR B 166 -9.64 27.95 -2.26
N GLU B 167 -10.35 27.89 -1.14
CA GLU B 167 -10.81 29.11 -0.46
C GLU B 167 -9.64 29.86 0.16
N ASP B 168 -8.78 29.14 0.87
CA ASP B 168 -7.51 29.68 1.34
C ASP B 168 -6.51 28.53 1.39
N ASP B 169 -5.41 28.72 2.11
CA ASP B 169 -4.42 27.67 2.22
C ASP B 169 -4.86 26.56 3.16
N GLY B 170 -5.55 26.93 4.24
CA GLY B 170 -5.97 25.95 5.22
C GLY B 170 -7.02 24.98 4.69
N CYS B 171 -7.94 25.48 3.86
CA CYS B 171 -8.95 24.62 3.25
C CYS B 171 -8.31 23.62 2.29
N PHE B 172 -7.33 24.07 1.51
CA PHE B 172 -6.66 23.16 0.58
C PHE B 172 -5.81 22.14 1.30
N VAL B 173 -5.09 22.55 2.34
CA VAL B 173 -4.27 21.58 3.08
C VAL B 173 -5.15 20.63 3.87
N THR B 174 -6.31 21.09 4.35
CA THR B 174 -7.26 20.19 5.00
C THR B 174 -7.87 19.20 4.02
N SER B 175 -8.14 19.62 2.78
CA SER B 175 -8.65 18.69 1.78
C SER B 175 -7.58 17.70 1.33
N PHE B 176 -6.33 18.16 1.22
CA PHE B 176 -5.22 17.28 0.88
C PHE B 176 -4.99 16.25 1.98
N ILE B 177 -5.08 16.69 3.24
CA ILE B 177 -4.97 15.78 4.37
C ILE B 177 -6.16 14.84 4.41
N THR B 178 -7.35 15.31 4.02
CA THR B 178 -8.52 14.44 3.95
C THR B 178 -8.37 13.35 2.91
N GLU B 179 -7.81 13.71 1.75
CA GLU B 179 -7.51 12.72 0.71
C GLU B 179 -6.45 11.72 1.18
N LEU B 180 -5.43 12.21 1.89
CA LEU B 180 -4.36 11.34 2.37
C LEU B 180 -4.84 10.48 3.53
N VAL B 181 -5.74 10.99 4.37
CA VAL B 181 -6.41 10.20 5.41
C VAL B 181 -7.31 9.14 4.80
N LEU B 182 -7.98 9.46 3.69
CA LEU B 182 -8.85 8.46 3.05
C LEU B 182 -8.04 7.33 2.43
N MET B 183 -6.93 7.65 1.75
CA MET B 183 -6.11 6.57 1.20
C MET B 183 -5.03 6.08 2.16
N LEU B 184 -4.99 6.55 3.40
CA LEU B 184 -4.36 5.76 4.44
C LEU B 184 -5.36 4.95 5.22
N LEU B 185 -6.63 5.33 5.19
CA LEU B 185 -7.67 4.50 5.77
C LEU B 185 -7.89 3.26 4.94
N PHE B 186 -7.83 3.39 3.61
CA PHE B 186 -7.90 2.24 2.71
C PHE B 186 -6.70 1.31 2.93
N LEU B 187 -5.50 1.88 3.02
CA LEU B 187 -4.31 1.07 3.21
C LEU B 187 -4.24 0.47 4.61
N THR B 188 -4.74 1.17 5.62
CA THR B 188 -4.80 0.64 6.97
C THR B 188 -5.85 -0.46 7.07
N ILE B 189 -6.94 -0.37 6.29
CA ILE B 189 -7.90 -1.47 6.23
C ILE B 189 -7.27 -2.69 5.58
N LEU B 190 -6.48 -2.49 4.53
CA LEU B 190 -5.74 -3.60 3.93
C LEU B 190 -4.72 -4.20 4.89
N ALA B 191 -3.96 -3.36 5.59
CA ALA B 191 -2.97 -3.85 6.53
C ALA B 191 -3.60 -4.51 7.75
N PHE B 192 -4.75 -3.99 8.21
CA PHE B 192 -5.46 -4.60 9.33
C PHE B 192 -6.05 -5.94 8.94
N CYS B 193 -6.65 -6.03 7.75
CA CYS B 193 -7.20 -7.30 7.28
C CYS B 193 -6.09 -8.32 7.06
N SER B 194 -4.94 -7.87 6.54
CA SER B 194 -3.80 -8.77 6.38
C SER B 194 -3.25 -9.23 7.71
N ALA B 195 -3.10 -8.33 8.67
CA ALA B 195 -2.57 -8.70 9.98
C ALA B 195 -3.52 -9.60 10.74
N VAL B 196 -4.83 -9.36 10.63
CA VAL B 196 -5.81 -10.24 11.24
C VAL B 196 -5.79 -11.61 10.57
N LEU B 197 -5.59 -11.67 9.25
CA LEU B 197 -5.50 -12.95 8.57
C LEU B 197 -4.23 -13.71 8.97
N LEU B 198 -3.12 -13.01 9.17
CA LEU B 198 -1.89 -13.64 9.65
C LEU B 198 -2.08 -14.16 11.08
N ILE B 199 -2.82 -13.41 11.90
CA ILE B 199 -3.15 -13.85 13.26
C ILE B 199 -4.02 -15.10 13.24
N ILE B 200 -5.03 -15.13 12.36
CA ILE B 200 -5.89 -16.30 12.21
C ILE B 200 -5.10 -17.52 11.75
N TYR B 201 -4.18 -17.33 10.79
CA TYR B 201 -3.39 -18.46 10.31
C TYR B 201 -2.44 -18.99 11.39
N ARG B 202 -1.74 -18.10 12.09
CA ARG B 202 -0.77 -18.57 13.07
C ARG B 202 -1.40 -18.88 14.43
N ILE B 203 -2.70 -18.66 14.60
CA ILE B 203 -3.41 -19.14 15.77
C ILE B 203 -4.12 -20.46 15.50
N GLY B 204 -4.78 -20.60 14.35
CA GLY B 204 -5.33 -21.88 13.94
C GLY B 204 -4.28 -22.92 13.61
N GLN B 205 -3.06 -22.49 13.29
CA GLN B 205 -1.95 -23.42 13.18
C GLN B 205 -1.61 -24.02 14.53
N GLU B 206 -1.71 -23.23 15.60
CA GLU B 206 -1.39 -23.68 16.95
C GLU B 206 -2.55 -24.39 17.64
N PHE B 207 -3.70 -24.52 17.00
CA PHE B 207 -4.83 -25.20 17.60
C PHE B 207 -4.71 -26.71 17.44
N PRO C 22 -9.46 20.93 -11.13
CA PRO C 22 -10.22 21.14 -9.89
C PRO C 22 -10.35 19.87 -9.06
N GLN C 23 -11.54 19.67 -8.47
CA GLN C 23 -11.80 18.46 -7.68
C GLN C 23 -11.81 17.21 -8.56
N LEU C 24 -12.19 17.34 -9.82
CA LEU C 24 -12.24 16.19 -10.72
C LEU C 24 -10.86 15.61 -10.99
N CYS C 25 -9.86 16.48 -11.19
CA CYS C 25 -8.51 15.99 -11.43
C CYS C 25 -7.91 15.34 -10.19
N TYR C 26 -8.25 15.85 -9.00
CA TYR C 26 -7.79 15.22 -7.78
C TYR C 26 -8.47 13.88 -7.53
N ILE C 27 -9.77 13.77 -7.85
CA ILE C 27 -10.50 12.52 -7.69
C ILE C 27 -9.97 11.46 -8.65
N LEU C 28 -9.74 11.85 -9.91
CA LEU C 28 -9.16 10.96 -10.90
C LEU C 28 -7.72 10.58 -10.53
N ASP C 29 -6.99 11.50 -9.92
CA ASP C 29 -5.63 11.23 -9.45
C ASP C 29 -5.63 10.23 -8.29
N ALA C 30 -6.59 10.37 -7.37
CA ALA C 30 -6.71 9.44 -6.26
C ALA C 30 -7.12 8.05 -6.73
N ILE C 31 -8.04 7.97 -7.69
CA ILE C 31 -8.45 6.66 -8.18
C ILE C 31 -7.33 6.04 -9.03
N LEU C 32 -6.46 6.87 -9.62
CA LEU C 32 -5.29 6.35 -10.30
C LEU C 32 -4.27 5.81 -9.30
N PHE C 33 -4.13 6.47 -8.14
CA PHE C 33 -3.24 5.95 -7.11
C PHE C 33 -3.76 4.63 -6.55
N LEU C 34 -5.08 4.52 -6.37
CA LEU C 34 -5.69 3.27 -5.94
C LEU C 34 -5.47 2.17 -6.98
N TYR C 35 -5.56 2.54 -8.26
CA TYR C 35 -5.23 1.62 -9.36
C TYR C 35 -3.76 1.20 -9.30
N GLY C 36 -2.87 2.12 -8.95
CA GLY C 36 -1.47 1.76 -8.77
C GLY C 36 -1.23 0.83 -7.60
N ILE C 37 -1.98 1.03 -6.50
CA ILE C 37 -1.92 0.13 -5.35
C ILE C 37 -2.38 -1.28 -5.73
N VAL C 38 -3.46 -1.37 -6.50
CA VAL C 38 -3.98 -2.67 -6.93
C VAL C 38 -2.98 -3.37 -7.85
N LEU C 39 -2.40 -2.64 -8.81
CA LEU C 39 -1.42 -3.26 -9.70
C LEU C 39 -0.13 -3.64 -8.98
N THR C 40 0.35 -2.84 -8.03
CA THR C 40 1.55 -3.28 -7.32
C THR C 40 1.28 -4.42 -6.35
N LEU C 41 0.07 -4.54 -5.79
CA LEU C 41 -0.27 -5.70 -5.00
C LEU C 41 -0.35 -6.95 -5.87
N LEU C 42 -0.92 -6.82 -7.08
CA LEU C 42 -1.04 -7.98 -7.96
C LEU C 42 0.32 -8.38 -8.53
N TYR C 43 1.18 -7.43 -8.86
CA TYR C 43 2.53 -7.75 -9.29
C TYR C 43 3.37 -8.34 -8.16
N CYS C 44 3.15 -7.91 -6.92
CA CYS C 44 3.82 -8.56 -5.79
C CYS C 44 3.35 -9.99 -5.59
N ARG C 45 2.04 -10.22 -5.75
CA ARG C 45 1.47 -11.56 -5.69
C ARG C 45 2.05 -12.47 -6.78
N LEU C 46 2.10 -11.97 -8.01
CA LEU C 46 2.66 -12.72 -9.12
C LEU C 46 4.15 -12.91 -8.99
N LYS C 47 4.86 -11.94 -8.41
CA LYS C 47 6.29 -12.05 -8.20
C LYS C 47 6.62 -13.14 -7.18
N ILE C 48 5.90 -13.18 -6.06
CA ILE C 48 6.14 -14.27 -5.12
C ILE C 48 5.66 -15.61 -5.66
N GLN C 49 4.65 -15.62 -6.55
CA GLN C 49 4.20 -16.88 -7.14
C GLN C 49 5.23 -17.45 -8.12
N VAL C 50 5.78 -16.61 -8.99
CA VAL C 50 6.81 -17.06 -9.92
C VAL C 50 8.10 -17.40 -9.17
N ARG C 51 8.41 -16.65 -8.09
CA ARG C 51 9.59 -16.97 -7.30
C ARG C 51 9.43 -18.32 -6.59
N LYS C 52 8.22 -18.62 -6.08
CA LYS C 52 7.97 -19.93 -5.49
C LYS C 52 8.05 -21.04 -6.52
N ALA C 53 7.50 -20.79 -7.73
CA ALA C 53 7.53 -21.81 -8.76
C ALA C 53 8.93 -22.04 -9.31
N ASP C 54 9.79 -21.02 -9.28
CA ASP C 54 11.16 -21.14 -9.78
C ASP C 54 12.15 -21.50 -8.68
N ILE C 55 11.73 -21.50 -7.42
CA ILE C 55 12.61 -21.98 -6.36
C ILE C 55 12.17 -23.40 -6.00
N ALA C 56 10.98 -23.79 -6.46
CA ALA C 56 10.57 -25.17 -6.33
C ALA C 56 11.24 -26.06 -7.36
N SER C 57 11.39 -25.56 -8.60
CA SER C 57 12.03 -26.34 -9.64
C SER C 57 13.53 -26.43 -9.44
N ARG C 58 14.15 -25.38 -8.91
CA ARG C 58 15.58 -25.37 -8.65
C ARG C 58 15.89 -26.10 -7.36
N LEU D 24 0.38 20.98 -14.47
CA LEU D 24 -0.38 20.06 -15.30
C LEU D 24 -0.73 18.80 -14.54
N CYS D 25 -2.01 18.45 -14.50
CA CYS D 25 -2.41 17.17 -13.96
C CYS D 25 -3.22 16.33 -14.95
N TYR D 26 -3.97 16.94 -15.87
CA TYR D 26 -4.78 16.19 -16.82
C TYR D 26 -3.97 15.41 -17.84
N ILE D 27 -2.99 16.01 -18.49
CA ILE D 27 -2.10 15.27 -19.37
C ILE D 27 -1.20 14.31 -18.60
N LEU D 28 -0.71 14.71 -17.43
CA LEU D 28 0.13 13.88 -16.58
C LEU D 28 -0.60 12.67 -16.02
N ASP D 29 -1.93 12.71 -15.93
CA ASP D 29 -2.72 11.55 -15.57
C ASP D 29 -3.28 10.80 -16.77
N ALA D 30 -3.46 11.46 -17.91
CA ALA D 30 -3.84 10.76 -19.13
C ALA D 30 -2.72 9.87 -19.66
N ILE D 31 -1.46 10.31 -19.60
CA ILE D 31 -0.35 9.44 -19.96
C ILE D 31 -0.11 8.37 -18.90
N LEU D 32 -0.49 8.61 -17.65
CA LEU D 32 -0.16 7.69 -16.58
C LEU D 32 -1.26 6.65 -16.38
N PHE D 33 -2.50 6.96 -16.76
CA PHE D 33 -3.48 5.90 -16.98
C PHE D 33 -3.09 4.99 -18.12
N LEU D 34 -2.50 5.53 -19.18
CA LEU D 34 -2.02 4.67 -20.26
C LEU D 34 -0.86 3.79 -19.81
N TYR D 35 0.06 4.34 -19.01
CA TYR D 35 1.11 3.54 -18.40
C TYR D 35 0.58 2.54 -17.38
N GLY D 36 -0.61 2.76 -16.83
CA GLY D 36 -1.26 1.76 -16.00
C GLY D 36 -2.05 0.68 -16.73
N ILE D 37 -2.72 1.06 -17.84
CA ILE D 37 -3.37 0.07 -18.70
C ILE D 37 -2.34 -0.84 -19.35
N VAL D 38 -1.16 -0.30 -19.68
CA VAL D 38 -0.07 -1.13 -20.21
C VAL D 38 0.37 -2.15 -19.17
N LEU D 39 0.53 -1.74 -17.91
CA LEU D 39 0.93 -2.68 -16.87
C LEU D 39 -0.18 -3.68 -16.54
N THR D 40 -1.44 -3.28 -16.66
CA THR D 40 -2.54 -4.22 -16.52
C THR D 40 -2.55 -5.25 -17.66
N LEU D 41 -2.25 -4.80 -18.87
CA LEU D 41 -2.16 -5.71 -20.02
C LEU D 41 -1.01 -6.70 -19.85
N LEU D 42 0.14 -6.23 -19.36
CA LEU D 42 1.25 -7.15 -19.11
C LEU D 42 0.99 -8.09 -17.93
N TYR D 43 0.24 -7.63 -16.91
CA TYR D 43 -0.19 -8.55 -15.86
C TYR D 43 -1.15 -9.62 -16.39
N CYS D 44 -2.11 -9.22 -17.23
CA CYS D 44 -3.02 -10.19 -17.80
C CYS D 44 -2.34 -11.09 -18.83
N ARG D 45 -1.22 -10.64 -19.41
CA ARG D 45 -0.42 -11.46 -20.29
C ARG D 45 0.50 -12.41 -19.53
N LEU D 46 1.01 -12.02 -18.36
CA LEU D 46 1.81 -12.91 -17.55
C LEU D 46 0.98 -13.94 -16.80
N LYS D 47 -0.21 -13.55 -16.33
CA LYS D 47 -1.03 -14.45 -15.50
C LYS D 47 -1.56 -15.62 -16.31
N ILE D 48 -1.91 -15.40 -17.58
CA ILE D 48 -2.37 -16.49 -18.41
C ILE D 48 -1.21 -17.45 -18.73
N GLN D 49 0.01 -16.94 -18.86
CA GLN D 49 1.15 -17.82 -19.08
C GLN D 49 1.50 -18.61 -17.83
N VAL D 50 1.38 -17.99 -16.65
CA VAL D 50 1.59 -18.70 -15.39
C VAL D 50 0.57 -19.81 -15.21
N ARG D 51 -0.71 -19.54 -15.50
CA ARG D 51 -1.70 -20.59 -15.36
C ARG D 51 -1.61 -21.62 -16.47
N LYS D 52 -1.07 -21.25 -17.65
CA LYS D 52 -0.84 -22.23 -18.71
C LYS D 52 0.29 -23.18 -18.35
N ALA D 53 1.35 -22.66 -17.73
CA ALA D 53 2.41 -23.53 -17.23
C ALA D 53 1.94 -24.34 -16.02
N ASP D 54 1.01 -23.80 -15.24
CA ASP D 54 0.49 -24.50 -14.08
C ASP D 54 -0.44 -25.64 -14.49
N ILE D 55 -1.11 -25.51 -15.64
CA ILE D 55 -1.94 -26.60 -16.14
C ILE D 55 -1.08 -27.79 -16.54
N ALA D 56 0.01 -27.54 -17.28
CA ALA D 56 0.94 -28.59 -17.68
C ALA D 56 2.08 -28.70 -16.67
N SER D 57 1.71 -28.98 -15.42
CA SER D 57 2.59 -29.13 -14.26
C SER D 57 3.51 -27.93 -14.04
CAA Y01 E . 5.53 3.81 -2.80
CBA Y01 E . 6.64 3.66 -1.77
CAB Y01 E . 7.29 5.02 -1.48
CAN Y01 E . 7.67 2.74 -2.38
CAJ Y01 E . 7.75 1.42 -1.62
CAO Y01 E . 7.28 0.25 -2.50
CBB Y01 E . 8.35 -0.78 -2.91
CAC Y01 E . 9.81 -0.26 -2.86
CBE Y01 E . 8.35 -2.10 -2.12
CAP Y01 E . 7.32 -2.23 -0.97
CAQ Y01 E . 7.37 -3.75 -0.65
CBG Y01 E . 8.33 -4.31 -1.69
CBI Y01 E . 8.11 -3.38 -2.93
CAE Y01 E . 6.70 -3.37 -3.54
CAU Y01 E . 9.09 -3.77 -4.01
CAS Y01 E . 8.90 -5.26 -4.39
CBF Y01 E . 9.15 -6.12 -3.16
CBD Y01 E . 8.16 -5.79 -2.03
CAK Y01 E . 8.56 -6.57 -0.77
CAI Y01 E . 8.96 -8.01 -1.04
CAZ Y01 E . 9.15 -8.48 -2.23
CAV Y01 E . 9.67 -9.90 -2.37
CBH Y01 E . 9.15 -7.62 -3.47
CAD Y01 E . 7.88 -8.02 -4.21
CAT Y01 E . 10.34 -7.87 -4.39
CAR Y01 E . 10.68 -9.36 -4.53
CBC Y01 E . 11.00 -9.87 -3.12
OAW Y01 E . 11.57 -11.19 -3.21
CAY Y01 E . 12.81 -11.27 -3.71
OAG Y01 E . 13.71 -10.61 -3.25
CAM Y01 E . 13.11 -12.19 -4.86
CAL Y01 E . 14.51 -12.77 -4.67
CAX Y01 E . 15.08 -13.21 -6.00
OAH Y01 E . 14.54 -12.74 -7.14
OAF Y01 E . 16.01 -13.98 -6.04
#